data_3HX8
#
_entry.id   3HX8
#
_cell.length_a   48.336
_cell.length_b   55.111
_cell.length_c   56.862
_cell.angle_alpha   69.020
_cell.angle_beta   76.890
_cell.angle_gamma   64.830
#
_symmetry.space_group_name_H-M   'P 1'
#
loop_
_entity.id
_entity.type
_entity.pdbx_description
1 polymer 'putative ketosteroid isomerase'
2 non-polymer 'UNKNOWN LIGAND'
3 non-polymer IMIDAZOLE
4 non-polymer 'TETRAETHYLENE GLYCOL'
5 water water
#
_entity_poly.entity_id   1
_entity_poly.type   'polypeptide(L)'
_entity_poly.pdbx_seq_one_letter_code
;GQSAKEAIEAANADFVKAYNSKDAAGVASKY(MSE)DDAAAFPPD(MSE)ARVDGRQNIQKLWQGA(MSE)D(MSE)GIS
ELKLTTLDVQESGDFAFESGSFSLKAPGKDSKLVDAAGKYVVVWRKGQDGGWKLYRDIWNSDPAK
;
_entity_poly.pdbx_strand_id   A,B,C,D
#
loop_
_chem_comp.id
_chem_comp.type
_chem_comp.name
_chem_comp.formula
IMD non-polymer IMIDAZOLE 'C3 H5 N2 1'
PG4 non-polymer 'TETRAETHYLENE GLYCOL' 'C8 H18 O5'
UNL non-polymer 'UNKNOWN LIGAND' ?
#
# COMPACT_ATOMS: atom_id res chain seq x y z
N GLY A 1 16.89 9.12 -35.75
CA GLY A 1 15.91 9.19 -34.62
C GLY A 1 16.46 8.50 -33.39
N GLN A 2 16.15 9.04 -32.21
CA GLN A 2 16.61 8.44 -30.95
C GLN A 2 15.71 7.30 -30.52
N SER A 3 16.28 6.13 -30.22
CA SER A 3 15.50 4.98 -29.74
C SER A 3 15.17 5.08 -28.26
N ALA A 4 14.23 4.27 -27.79
CA ALA A 4 13.96 4.13 -26.34
C ALA A 4 15.20 3.71 -25.52
N LYS A 5 15.95 2.75 -26.02
CA LYS A 5 17.15 2.29 -25.35
C LYS A 5 18.18 3.43 -25.24
N GLU A 6 18.30 4.23 -26.30
CA GLU A 6 19.20 5.40 -26.24
C GLU A 6 18.74 6.45 -25.21
N ALA A 7 17.44 6.67 -25.15
CA ALA A 7 16.87 7.65 -24.23
C ALA A 7 17.07 7.17 -22.78
N ILE A 8 16.93 5.86 -22.58
CA ILE A 8 17.12 5.24 -21.29
C ILE A 8 18.60 5.34 -20.86
N GLU A 9 19.51 5.11 -21.81
CA GLU A 9 20.92 5.31 -21.51
C GLU A 9 21.22 6.74 -21.08
N ALA A 10 20.67 7.73 -21.76
CA ALA A 10 20.89 9.14 -21.39
C ALA A 10 20.28 9.42 -20.01
N ALA A 11 19.08 8.86 -19.73
CA ALA A 11 18.47 9.01 -18.39
C ALA A 11 19.30 8.40 -17.27
N ASN A 12 19.85 7.23 -17.50
CA ASN A 12 20.74 6.57 -16.55
C ASN A 12 22.03 7.32 -16.26
N ALA A 13 22.57 7.92 -17.30
CA ALA A 13 23.69 8.86 -17.13
C ALA A 13 23.33 10.04 -16.23
N ASP A 14 22.19 10.66 -16.47
CA ASP A 14 21.62 11.73 -15.62
C ASP A 14 21.53 11.23 -14.13
N PHE A 15 20.99 10.03 -13.97
CA PHE A 15 20.79 9.42 -12.67
C PHE A 15 22.10 9.27 -11.89
N VAL A 16 23.10 8.62 -12.50
CA VAL A 16 24.39 8.38 -11.85
C VAL A 16 25.10 9.70 -11.57
N LYS A 17 25.01 10.67 -12.50
CA LYS A 17 25.62 11.99 -12.26
C LYS A 17 24.99 12.68 -11.02
N ALA A 18 23.66 12.67 -10.95
CA ALA A 18 22.96 13.26 -9.82
C ALA A 18 23.34 12.53 -8.53
N TYR A 19 23.35 11.20 -8.57
CA TYR A 19 23.68 10.47 -7.33
C TYR A 19 25.08 10.83 -6.81
N ASN A 20 26.04 10.82 -7.71
CA ASN A 20 27.39 10.99 -7.33
C ASN A 20 27.74 12.47 -7.08
N SER A 21 26.84 13.36 -7.45
CA SER A 21 26.83 14.77 -7.03
C SER A 21 26.15 15.00 -5.68
N LYS A 22 25.67 13.93 -5.02
CA LYS A 22 24.92 14.03 -3.78
C LYS A 22 23.72 14.95 -3.92
N ASP A 23 23.04 14.83 -5.06
CA ASP A 23 21.89 15.62 -5.38
C ASP A 23 20.65 14.74 -5.41
N ALA A 24 20.00 14.59 -4.26
CA ALA A 24 18.85 13.70 -4.15
C ALA A 24 17.65 14.20 -4.96
N ALA A 25 17.41 15.51 -4.96
CA ALA A 25 16.39 16.08 -5.85
C ALA A 25 16.63 15.73 -7.34
N GLY A 26 17.88 15.83 -7.79
CA GLY A 26 18.26 15.46 -9.12
C GLY A 26 18.00 13.98 -9.44
N VAL A 27 18.28 13.11 -8.47
CA VAL A 27 18.02 11.69 -8.65
C VAL A 27 16.52 11.46 -8.73
N ALA A 28 15.81 12.02 -7.76
CA ALA A 28 14.34 11.80 -7.69
C ALA A 28 13.62 12.36 -8.93
N SER A 29 14.17 13.41 -9.53
CA SER A 29 13.60 14.02 -10.74
CA SER A 29 13.53 13.97 -10.70
C SER A 29 13.56 13.07 -11.93
N LYS A 30 14.38 12.00 -11.91
CA LYS A 30 14.36 11.00 -12.97
C LYS A 30 13.19 9.98 -12.85
N TYR A 31 12.41 10.08 -11.78
CA TYR A 31 11.29 9.20 -11.55
C TYR A 31 9.98 9.88 -11.92
N MSE A 32 9.03 9.07 -12.37
CA MSE A 32 7.66 9.53 -12.53
C MSE A 32 7.10 10.00 -11.20
O MSE A 32 7.49 9.53 -10.11
CB MSE A 32 6.76 8.43 -13.11
CG MSE A 32 7.14 7.93 -14.47
SE MSE A 32 6.86 9.21 -15.87
CE MSE A 32 4.95 8.99 -16.12
N ASP A 33 6.15 10.93 -11.25
CA ASP A 33 5.54 11.40 -10.04
C ASP A 33 4.95 10.28 -9.20
N ASP A 34 4.38 9.26 -9.86
CA ASP A 34 3.73 8.13 -9.18
C ASP A 34 4.60 6.86 -9.21
N ALA A 35 5.90 7.05 -9.33
CA ALA A 35 6.84 5.92 -9.28
C ALA A 35 6.83 5.29 -7.88
N ALA A 36 7.43 4.10 -7.82
CA ALA A 36 7.73 3.45 -6.55
C ALA A 36 9.11 2.84 -6.60
N ALA A 37 9.81 2.91 -5.46
CA ALA A 37 11.10 2.27 -5.26
C ALA A 37 10.95 1.21 -4.17
N PHE A 38 11.75 0.16 -4.30
CA PHE A 38 11.64 -1.04 -3.47
C PHE A 38 12.96 -1.38 -2.82
N PRO A 39 13.37 -0.61 -1.82
CA PRO A 39 14.66 -0.81 -1.20
C PRO A 39 14.65 -2.08 -0.29
N PRO A 40 15.69 -2.88 -0.39
CA PRO A 40 15.77 -4.02 0.50
C PRO A 40 15.78 -3.64 1.98
N ASP A 41 15.02 -4.39 2.78
CA ASP A 41 14.98 -4.23 4.25
C ASP A 41 14.35 -2.93 4.71
N MSE A 42 13.66 -2.26 3.80
CA MSE A 42 12.88 -1.07 4.08
C MSE A 42 11.54 -1.22 3.43
O MSE A 42 11.36 -2.01 2.48
CB MSE A 42 13.59 0.17 3.53
CG MSE A 42 14.93 0.43 4.16
SE MSE A 42 15.81 1.96 3.30
CE MSE A 42 14.32 3.19 3.46
N ALA A 43 10.56 -0.43 3.89
CA ALA A 43 9.27 -0.41 3.24
C ALA A 43 9.36 0.19 1.85
N ARG A 44 8.44 -0.26 0.99
CA ARG A 44 8.21 0.37 -0.28
C ARG A 44 8.09 1.89 -0.14
N VAL A 45 8.62 2.61 -1.13
CA VAL A 45 8.63 4.07 -1.12
C VAL A 45 7.85 4.51 -2.34
N ASP A 46 6.78 5.28 -2.11
CA ASP A 46 5.88 5.67 -3.18
C ASP A 46 5.94 7.18 -3.45
N GLY A 47 6.09 7.53 -4.71
CA GLY A 47 6.03 8.90 -5.17
C GLY A 47 7.36 9.62 -5.19
N ARG A 48 7.48 10.56 -6.10
CA ARG A 48 8.75 11.24 -6.28
C ARG A 48 9.32 11.86 -5.03
N GLN A 49 8.49 12.60 -4.28
CA GLN A 49 9.00 13.28 -3.12
C GLN A 49 9.60 12.30 -2.09
N ASN A 50 8.89 11.21 -1.83
CA ASN A 50 9.39 10.20 -0.93
C ASN A 50 10.64 9.47 -1.45
N ILE A 51 10.69 9.31 -2.76
CA ILE A 51 11.88 8.76 -3.40
C ILE A 51 13.08 9.67 -3.21
N GLN A 52 12.85 10.99 -3.25
CA GLN A 52 13.91 11.88 -2.92
C GLN A 52 14.45 11.62 -1.52
N LYS A 53 13.51 11.47 -0.56
CA LYS A 53 13.87 11.26 0.83
CA LYS A 53 13.89 11.28 0.82
C LYS A 53 14.67 9.97 0.98
N LEU A 54 14.26 8.94 0.24
CA LEU A 54 14.99 7.68 0.24
C LEU A 54 16.45 7.90 -0.19
N TRP A 55 16.64 8.58 -1.29
CA TRP A 55 17.99 8.76 -1.80
C TRP A 55 18.79 9.68 -0.92
N GLN A 56 18.16 10.71 -0.38
CA GLN A 56 18.83 11.60 0.57
C GLN A 56 19.32 10.78 1.77
N GLY A 57 18.51 9.80 2.21
CA GLY A 57 18.92 8.95 3.31
C GLY A 57 20.11 8.07 3.02
N ALA A 58 20.16 7.50 1.81
CA ALA A 58 21.30 6.71 1.34
C ALA A 58 22.57 7.57 1.31
N MSE A 59 22.44 8.79 0.83
CA MSE A 59 23.55 9.72 0.79
C MSE A 59 24.02 10.07 2.18
O MSE A 59 25.23 10.11 2.44
CB MSE A 59 23.14 10.98 0.02
CG MSE A 59 22.89 10.75 -1.44
SE MSE A 59 22.11 12.27 -2.26
CE MSE A 59 21.82 11.49 -3.97
N ASP A 60 23.07 10.31 3.07
CA ASP A 60 23.38 10.67 4.47
C ASP A 60 24.05 9.53 5.20
N MSE A 61 23.77 8.29 4.77
CA MSE A 61 24.48 7.12 5.32
CA MSE A 61 24.47 7.10 5.30
C MSE A 61 25.87 6.94 4.77
O MSE A 61 26.61 6.10 5.23
CB MSE A 61 23.73 5.81 5.07
CB MSE A 61 23.70 5.79 4.99
CG MSE A 61 22.47 5.71 5.81
CG MSE A 61 22.59 5.51 5.93
SE MSE A 61 21.50 4.21 5.12
SE MSE A 61 23.24 5.21 7.74
CE MSE A 61 22.90 2.89 5.15
CE MSE A 61 24.28 3.59 7.40
N GLY A 62 26.25 7.74 3.77
CA GLY A 62 27.57 7.61 3.21
C GLY A 62 27.74 6.69 2.02
N ILE A 63 26.62 6.23 1.43
CA ILE A 63 26.69 5.35 0.27
C ILE A 63 27.15 6.15 -0.94
N SER A 64 28.16 5.65 -1.63
CA SER A 64 28.98 6.43 -2.59
C SER A 64 29.35 5.64 -3.80
N GLU A 65 29.86 6.37 -4.81
CA GLU A 65 30.52 5.73 -5.94
CA GLU A 65 30.49 5.81 -5.98
C GLU A 65 29.57 4.80 -6.70
N LEU A 66 28.39 5.27 -7.03
CA LEU A 66 27.41 4.42 -7.72
C LEU A 66 27.85 4.17 -9.16
N LYS A 67 27.84 2.89 -9.56
CA LYS A 67 28.06 2.51 -10.96
CA LYS A 67 28.07 2.51 -10.96
C LYS A 67 26.93 1.60 -11.39
N LEU A 68 26.30 1.91 -12.50
CA LEU A 68 25.24 1.06 -13.06
C LEU A 68 25.69 0.46 -14.39
N THR A 69 25.33 -0.81 -14.62
CA THR A 69 25.57 -1.47 -15.89
C THR A 69 24.24 -2.05 -16.37
N THR A 70 23.77 -1.55 -17.50
CA THR A 70 22.55 -2.06 -18.13
C THR A 70 22.89 -3.34 -18.85
N LEU A 71 22.15 -4.42 -18.52
CA LEU A 71 22.33 -5.71 -19.16
C LEU A 71 21.27 -6.09 -20.18
N ASP A 72 20.08 -5.54 -20.08
CA ASP A 72 18.99 -5.83 -21.04
C ASP A 72 17.97 -4.70 -20.93
N VAL A 73 17.42 -4.29 -22.07
CA VAL A 73 16.31 -3.37 -22.16
C VAL A 73 15.34 -3.89 -23.17
N GLN A 74 14.07 -3.93 -22.80
CA GLN A 74 13.01 -4.33 -23.73
CA GLN A 74 13.00 -4.35 -23.72
C GLN A 74 11.95 -3.26 -23.73
N GLU A 75 11.56 -2.81 -24.93
CA GLU A 75 10.57 -1.77 -25.00
C GLU A 75 9.21 -2.34 -25.31
N SER A 76 8.19 -1.64 -24.83
CA SER A 76 6.82 -1.99 -25.07
C SER A 76 6.01 -0.69 -25.12
N GLY A 77 6.10 -0.02 -26.26
CA GLY A 77 5.33 1.20 -26.46
C GLY A 77 5.90 2.30 -25.58
N ASP A 78 5.05 2.87 -24.72
CA ASP A 78 5.45 3.92 -23.75
C ASP A 78 5.90 3.35 -22.41
N PHE A 79 6.09 2.05 -22.34
CA PHE A 79 6.81 1.39 -21.22
C PHE A 79 8.04 0.69 -21.75
N ALA A 80 8.94 0.39 -20.84
CA ALA A 80 10.07 -0.48 -21.11
C ALA A 80 10.51 -1.08 -19.77
N PHE A 81 11.31 -2.13 -19.83
CA PHE A 81 11.95 -2.65 -18.65
C PHE A 81 13.39 -2.97 -18.90
N GLU A 82 14.17 -2.74 -17.87
CA GLU A 82 15.62 -2.82 -17.89
C GLU A 82 16.05 -3.73 -16.78
N SER A 83 16.97 -4.67 -17.05
CA SER A 83 17.70 -5.30 -15.91
C SER A 83 19.18 -4.98 -16.02
N GLY A 84 19.85 -4.97 -14.89
CA GLY A 84 21.23 -4.62 -14.83
C GLY A 84 21.88 -5.01 -13.53
N SER A 85 23.09 -4.50 -13.39
CA SER A 85 23.85 -4.68 -12.18
C SER A 85 24.34 -3.33 -11.65
N PHE A 86 24.62 -3.28 -10.35
CA PHE A 86 25.16 -2.08 -9.73
C PHE A 86 26.32 -2.47 -8.85
N SER A 87 27.17 -1.49 -8.65
CA SER A 87 28.21 -1.55 -7.63
C SER A 87 28.31 -0.19 -7.00
N LEU A 88 28.72 -0.20 -5.75
CA LEU A 88 28.84 1.02 -4.96
C LEU A 88 29.72 0.75 -3.76
N LYS A 89 30.01 1.80 -3.03
CA LYS A 89 30.69 1.70 -1.74
C LYS A 89 29.67 2.03 -0.65
N ALA A 90 29.50 1.15 0.33
CA ALA A 90 28.51 1.36 1.38
C ALA A 90 29.11 0.96 2.71
N PRO A 91 28.74 1.65 3.80
CA PRO A 91 29.23 1.21 5.09
CA PRO A 91 29.19 1.23 5.12
C PRO A 91 28.73 -0.18 5.44
N GLY A 92 29.64 -1.03 5.92
CA GLY A 92 29.35 -2.43 6.24
C GLY A 92 28.79 -2.52 7.63
N LYS A 93 28.74 -3.72 8.19
CA LYS A 93 28.21 -3.90 9.55
C LYS A 93 29.05 -3.23 10.64
N ASP A 94 30.32 -3.00 10.33
CA ASP A 94 31.23 -2.29 11.20
C ASP A 94 31.35 -0.79 10.87
N SER A 95 30.43 -0.29 10.00
CA SER A 95 30.39 1.10 9.54
C SER A 95 31.54 1.52 8.67
N LYS A 96 32.39 0.59 8.27
CA LYS A 96 33.50 0.90 7.34
C LYS A 96 33.04 0.68 5.91
N LEU A 97 33.47 1.57 5.00
CA LEU A 97 33.04 1.47 3.61
C LEU A 97 33.60 0.20 2.99
N VAL A 98 32.73 -0.53 2.29
CA VAL A 98 33.11 -1.74 1.60
C VAL A 98 32.38 -1.77 0.24
N ASP A 99 32.90 -2.52 -0.72
CA ASP A 99 32.22 -2.76 -1.97
C ASP A 99 30.95 -3.53 -1.72
N ALA A 100 29.88 -3.07 -2.40
CA ALA A 100 28.63 -3.78 -2.43
C ALA A 100 28.21 -3.86 -3.89
N ALA A 101 27.59 -4.96 -4.26
CA ALA A 101 27.17 -5.16 -5.64
C ALA A 101 25.84 -5.88 -5.63
N GLY A 102 25.11 -5.73 -6.72
CA GLY A 102 23.84 -6.40 -6.83
C GLY A 102 23.23 -6.24 -8.21
N LYS A 103 21.93 -6.53 -8.27
CA LYS A 103 21.19 -6.60 -9.54
C LYS A 103 19.90 -5.79 -9.33
N TYR A 104 19.37 -5.32 -10.44
CA TYR A 104 18.16 -4.52 -10.41
C TYR A 104 17.28 -4.80 -11.63
N VAL A 105 16.00 -4.46 -11.47
CA VAL A 105 15.04 -4.33 -12.54
C VAL A 105 14.37 -2.97 -12.38
N VAL A 106 14.25 -2.27 -13.50
CA VAL A 106 13.53 -1.00 -13.55
C VAL A 106 12.44 -1.10 -14.62
N VAL A 107 11.24 -0.70 -14.28
CA VAL A 107 10.19 -0.47 -15.27
C VAL A 107 10.25 1.02 -15.54
N TRP A 108 10.44 1.37 -16.81
CA TRP A 108 10.57 2.74 -17.31
C TRP A 108 9.26 3.14 -18.01
N ARG A 109 8.90 4.41 -17.92
CA ARG A 109 7.73 4.92 -18.63
CA ARG A 109 7.74 4.94 -18.64
C ARG A 109 8.09 6.21 -19.36
N LYS A 110 7.49 6.41 -20.53
CA LYS A 110 7.67 7.65 -21.28
C LYS A 110 6.58 8.63 -20.84
N GLY A 111 7.01 9.74 -20.29
CA GLY A 111 6.06 10.78 -19.84
C GLY A 111 5.43 11.54 -21.00
N GLN A 112 4.40 12.30 -20.67
CA GLN A 112 3.72 13.13 -21.69
C GLN A 112 4.71 14.08 -22.42
N ASP A 113 5.68 14.60 -21.67
CA ASP A 113 6.74 15.44 -22.22
C ASP A 113 7.84 14.72 -22.98
N GLY A 114 7.65 13.42 -23.25
CA GLY A 114 8.57 12.65 -24.06
C GLY A 114 9.74 12.08 -23.24
N GLY A 115 9.81 12.44 -21.96
CA GLY A 115 10.97 12.06 -21.15
C GLY A 115 10.78 10.69 -20.53
N TRP A 116 11.74 9.78 -20.78
CA TRP A 116 11.73 8.47 -20.09
C TRP A 116 12.14 8.58 -18.64
N LYS A 117 11.32 8.02 -17.75
CA LYS A 117 11.49 8.13 -16.31
CA LYS A 117 11.57 8.10 -16.34
C LYS A 117 11.32 6.76 -15.65
N LEU A 118 12.00 6.56 -14.51
CA LEU A 118 11.80 5.34 -13.73
C LEU A 118 10.39 5.34 -13.12
N TYR A 119 9.73 4.19 -13.25
CA TYR A 119 8.39 3.97 -12.72
C TYR A 119 8.37 2.94 -11.58
N ARG A 120 9.13 1.86 -11.74
CA ARG A 120 9.37 0.89 -10.65
C ARG A 120 10.86 0.62 -10.58
N ASP A 121 11.44 0.71 -9.38
CA ASP A 121 12.88 0.55 -9.19
C ASP A 121 13.10 -0.36 -8.03
N ILE A 122 13.56 -1.56 -8.31
CA ILE A 122 13.79 -2.59 -7.30
C ILE A 122 15.14 -3.28 -7.51
N TRP A 123 15.82 -3.59 -6.41
CA TRP A 123 17.14 -4.19 -6.49
C TRP A 123 17.40 -5.03 -5.26
N ASN A 124 18.43 -5.84 -5.35
CA ASN A 124 18.89 -6.61 -4.23
C ASN A 124 20.37 -7.01 -4.43
N SER A 125 20.96 -7.64 -3.42
CA SER A 125 22.37 -7.93 -3.42
CA SER A 125 22.37 -7.93 -3.42
C SER A 125 22.74 -9.22 -4.13
N ASP A 126 23.96 -9.25 -4.68
CA ASP A 126 24.53 -10.48 -5.19
C ASP A 126 25.38 -11.11 -4.08
N PRO A 127 25.63 -12.41 -4.17
CA PRO A 127 26.44 -13.06 -3.16
C PRO A 127 27.88 -12.57 -3.21
N ALA A 128 28.55 -12.67 -2.07
CA ALA A 128 30.00 -12.48 -1.97
C ALA A 128 30.75 -13.70 -2.49
N SER B 3 -10.24 -8.25 -16.12
CA SER B 3 -9.14 -7.18 -16.18
C SER B 3 -7.74 -7.81 -16.16
N ALA B 4 -6.70 -7.14 -16.67
CA ALA B 4 -5.32 -7.77 -16.62
C ALA B 4 -4.84 -7.98 -15.18
N LYS B 5 -5.26 -7.06 -14.30
CA LYS B 5 -5.07 -7.18 -12.87
C LYS B 5 -5.77 -8.44 -12.34
N GLU B 6 -7.02 -8.66 -12.76
CA GLU B 6 -7.72 -9.92 -12.36
C GLU B 6 -7.03 -11.22 -12.91
N ALA B 7 -6.56 -11.16 -14.14
CA ALA B 7 -5.80 -12.23 -14.76
C ALA B 7 -4.47 -12.61 -13.99
N ILE B 8 -3.76 -11.57 -13.58
CA ILE B 8 -2.55 -11.74 -12.79
CA ILE B 8 -2.55 -11.74 -12.78
C ILE B 8 -2.92 -12.27 -11.40
N GLU B 9 -3.98 -11.74 -10.82
CA GLU B 9 -4.41 -12.27 -9.51
C GLU B 9 -4.76 -13.79 -9.61
N ALA B 10 -5.38 -14.21 -10.72
CA ALA B 10 -5.68 -15.64 -10.97
C ALA B 10 -4.43 -16.47 -11.10
N ALA B 11 -3.46 -15.94 -11.84
CA ALA B 11 -2.18 -16.64 -12.01
C ALA B 11 -1.47 -16.76 -10.66
N ASN B 12 -1.56 -15.71 -9.85
CA ASN B 12 -0.93 -15.75 -8.53
C ASN B 12 -1.60 -16.74 -7.60
N ALA B 13 -2.92 -16.89 -7.72
CA ALA B 13 -3.62 -17.89 -6.90
C ALA B 13 -3.12 -19.29 -7.20
N ASP B 14 -2.88 -19.57 -8.49
CA ASP B 14 -2.33 -20.87 -8.90
C ASP B 14 -0.90 -21.06 -8.40
N PHE B 15 -0.14 -19.95 -8.43
CA PHE B 15 1.25 -19.95 -8.01
C PHE B 15 1.35 -20.35 -6.56
N VAL B 16 0.55 -19.68 -5.73
CA VAL B 16 0.52 -19.88 -4.29
C VAL B 16 0.05 -21.29 -3.97
N LYS B 17 -0.97 -21.77 -4.69
CA LYS B 17 -1.45 -23.09 -4.45
C LYS B 17 -0.37 -24.11 -4.70
N ALA B 18 0.36 -23.95 -5.81
CA ALA B 18 1.43 -24.87 -6.15
C ALA B 18 2.56 -24.77 -5.13
N TYR B 19 2.93 -23.55 -4.73
CA TYR B 19 4.02 -23.41 -3.75
C TYR B 19 3.62 -24.11 -2.46
N ASN B 20 2.44 -23.80 -1.97
CA ASN B 20 2.01 -24.33 -0.65
C ASN B 20 1.71 -25.84 -0.67
N SER B 21 1.50 -26.40 -1.87
CA SER B 21 1.34 -27.84 -2.03
CA SER B 21 1.34 -27.84 -2.07
C SER B 21 2.69 -28.54 -2.21
N LYS B 22 3.77 -27.77 -2.09
CA LYS B 22 5.13 -28.27 -2.23
C LYS B 22 5.42 -28.90 -3.62
N ASP B 23 4.98 -28.18 -4.65
CA ASP B 23 5.03 -28.60 -6.05
C ASP B 23 5.92 -27.64 -6.82
N ALA B 24 7.22 -27.86 -6.76
CA ALA B 24 8.19 -26.94 -7.35
C ALA B 24 8.03 -26.91 -8.87
N ALA B 25 7.84 -28.07 -9.51
CA ALA B 25 7.55 -28.11 -10.93
C ALA B 25 6.30 -27.29 -11.28
N GLY B 26 5.23 -27.39 -10.47
CA GLY B 26 4.04 -26.59 -10.69
C GLY B 26 4.31 -25.10 -10.64
N VAL B 27 5.10 -24.66 -9.67
CA VAL B 27 5.43 -23.25 -9.56
C VAL B 27 6.19 -22.81 -10.82
N ALA B 28 7.21 -23.57 -11.17
CA ALA B 28 8.07 -23.24 -12.33
C ALA B 28 7.27 -23.19 -13.62
N SER B 29 6.21 -24.00 -13.71
CA SER B 29 5.35 -23.99 -14.90
C SER B 29 4.61 -22.65 -15.16
N LYS B 30 4.56 -21.78 -14.16
CA LYS B 30 3.91 -20.50 -14.26
C LYS B 30 4.83 -19.44 -14.89
N TYR B 31 6.09 -19.79 -15.09
CA TYR B 31 7.08 -18.92 -15.71
C TYR B 31 7.25 -19.27 -17.18
N MSE B 32 7.53 -18.25 -17.96
CA MSE B 32 8.06 -18.46 -19.32
C MSE B 32 9.32 -19.31 -19.28
O MSE B 32 10.13 -19.21 -18.31
CB MSE B 32 8.40 -17.10 -19.93
CG MSE B 32 7.24 -16.31 -20.32
SE MSE B 32 6.11 -17.22 -21.64
CE MSE B 32 4.84 -15.84 -22.06
N ASP B 33 9.59 -20.07 -20.34
CA ASP B 33 10.79 -20.90 -20.33
CA ASP B 33 10.79 -20.93 -20.32
C ASP B 33 12.07 -20.09 -20.29
N ASP B 34 12.01 -18.88 -20.82
CA ASP B 34 13.13 -17.96 -20.82
C ASP B 34 12.99 -16.84 -19.76
N ALA B 35 12.21 -17.08 -18.71
CA ALA B 35 12.10 -16.17 -17.58
C ALA B 35 13.43 -16.08 -16.83
N ALA B 36 13.50 -15.08 -15.98
CA ALA B 36 14.60 -14.96 -15.03
C ALA B 36 14.04 -14.54 -13.66
N ALA B 37 14.65 -15.05 -12.60
CA ALA B 37 14.35 -14.65 -11.23
C ALA B 37 15.61 -14.00 -10.64
N PHE B 38 15.39 -13.06 -9.73
CA PHE B 38 16.44 -12.23 -9.16
C PHE B 38 16.34 -12.32 -7.62
N PRO B 39 16.85 -13.41 -7.01
CA PRO B 39 16.65 -13.60 -5.57
C PRO B 39 17.69 -12.80 -4.79
N PRO B 40 17.26 -12.23 -3.67
CA PRO B 40 18.25 -11.58 -2.80
C PRO B 40 19.37 -12.51 -2.37
N ASP B 41 20.59 -11.97 -2.40
CA ASP B 41 21.80 -12.69 -2.01
C ASP B 41 22.13 -13.93 -2.83
N MSE B 42 21.59 -14.03 -4.05
CA MSE B 42 21.92 -15.10 -4.99
C MSE B 42 22.08 -14.52 -6.36
O MSE B 42 21.50 -13.49 -6.66
CB MSE B 42 20.77 -16.15 -5.06
CG MSE B 42 20.41 -16.77 -3.72
SE MSE B 42 18.96 -18.02 -3.82
CE MSE B 42 19.66 -19.09 -5.33
N ALA B 43 22.81 -15.20 -7.22
CA ALA B 43 22.91 -14.76 -8.58
C ALA B 43 21.56 -14.89 -9.28
N ARG B 44 21.36 -14.07 -10.27
CA ARG B 44 20.24 -14.21 -11.20
CA ARG B 44 20.22 -14.21 -11.17
C ARG B 44 20.06 -15.66 -11.64
N VAL B 45 18.82 -16.12 -11.71
CA VAL B 45 18.46 -17.49 -12.03
C VAL B 45 17.70 -17.46 -13.35
N ASP B 46 18.22 -18.16 -14.33
CA ASP B 46 17.69 -18.14 -15.70
C ASP B 46 17.09 -19.45 -16.07
N GLY B 47 15.88 -19.36 -16.63
CA GLY B 47 15.22 -20.47 -17.26
C GLY B 47 14.36 -21.28 -16.31
N ARG B 48 13.34 -21.89 -16.86
CA ARG B 48 12.36 -22.58 -16.06
C ARG B 48 12.95 -23.72 -15.19
N GLN B 49 13.85 -24.55 -15.73
CA GLN B 49 14.40 -25.62 -14.92
C GLN B 49 15.20 -25.11 -13.70
N ASN B 50 16.02 -24.07 -13.90
CA ASN B 50 16.76 -23.49 -12.78
C ASN B 50 15.83 -22.80 -11.80
N ILE B 51 14.76 -22.21 -12.32
CA ILE B 51 13.74 -21.60 -11.46
C ILE B 51 13.02 -22.66 -10.60
N GLN B 52 12.76 -23.83 -11.15
CA GLN B 52 12.23 -24.95 -10.35
C GLN B 52 13.16 -25.27 -9.18
N LYS B 53 14.47 -25.31 -9.45
CA LYS B 53 15.44 -25.63 -8.41
C LYS B 53 15.48 -24.55 -7.35
N LEU B 54 15.32 -23.29 -7.78
CA LEU B 54 15.22 -22.18 -6.82
C LEU B 54 14.06 -22.38 -5.85
N TRP B 55 12.89 -22.69 -6.38
CA TRP B 55 11.72 -22.85 -5.51
C TRP B 55 11.75 -24.12 -4.67
N GLN B 56 12.32 -25.18 -5.25
CA GLN B 56 12.55 -26.37 -4.45
C GLN B 56 13.49 -26.07 -3.27
N GLY B 57 14.49 -25.23 -3.50
CA GLY B 57 15.39 -24.84 -2.46
C GLY B 57 14.68 -24.11 -1.35
N ALA B 58 13.74 -23.24 -1.72
CA ALA B 58 12.93 -22.53 -0.74
C ALA B 58 12.15 -23.51 0.13
N MSE B 59 11.57 -24.50 -0.51
CA MSE B 59 10.77 -25.51 0.18
C MSE B 59 11.68 -26.30 1.14
O MSE B 59 11.32 -26.55 2.26
CB MSE B 59 10.08 -26.44 -0.78
CG MSE B 59 9.07 -25.80 -1.67
SE MSE B 59 8.49 -26.92 -3.11
CE MSE B 59 7.43 -25.55 -4.02
N ASP B 60 12.86 -26.66 0.65
CA ASP B 60 13.83 -27.45 1.43
C ASP B 60 14.34 -26.67 2.65
N MSE B 61 14.28 -25.33 2.58
CA MSE B 61 14.70 -24.51 3.72
CA MSE B 61 14.65 -24.38 3.65
C MSE B 61 13.51 -24.16 4.64
O MSE B 61 13.64 -23.37 5.56
CB MSE B 61 15.46 -23.28 3.24
CB MSE B 61 14.91 -22.98 3.04
CG MSE B 61 16.66 -23.65 2.48
CG MSE B 61 16.23 -22.67 2.58
SE MSE B 61 18.09 -24.18 3.66
SE MSE B 61 16.04 -20.80 2.06
CE MSE B 61 17.99 -26.12 3.40
CE MSE B 61 17.17 -20.80 0.45
N GLY B 62 12.37 -24.79 4.40
CA GLY B 62 11.24 -24.63 5.29
C GLY B 62 10.40 -23.39 5.08
N ILE B 63 10.55 -22.73 3.92
CA ILE B 63 9.65 -21.62 3.58
C ILE B 63 8.26 -22.17 3.27
N SER B 64 7.29 -21.67 4.00
CA SER B 64 5.92 -22.16 3.89
C SER B 64 4.88 -21.03 4.00
N GLU B 65 3.61 -21.37 3.74
CA GLU B 65 2.47 -20.47 3.84
CA GLU B 65 2.50 -20.46 3.92
C GLU B 65 2.73 -19.16 3.11
N LEU B 66 3.11 -19.30 1.84
CA LEU B 66 3.27 -18.13 0.97
C LEU B 66 1.94 -17.50 0.70
N LYS B 67 1.91 -16.17 0.76
CA LYS B 67 0.76 -15.35 0.40
C LYS B 67 1.24 -14.17 -0.43
N LEU B 68 0.54 -13.89 -1.51
CA LEU B 68 0.86 -12.80 -2.42
C LEU B 68 -0.31 -11.85 -2.50
N THR B 69 -0.03 -10.55 -2.44
CA THR B 69 -1.06 -9.54 -2.62
C THR B 69 -0.61 -8.63 -3.75
N THR B 70 -1.38 -8.61 -4.84
CA THR B 70 -1.16 -7.71 -5.96
C THR B 70 -1.57 -6.30 -5.52
N LEU B 71 -0.66 -5.34 -5.65
CA LEU B 71 -0.98 -3.96 -5.32
C LEU B 71 -1.37 -3.13 -6.55
N ASP B 72 -0.67 -3.31 -7.66
CA ASP B 72 -1.02 -2.61 -8.88
C ASP B 72 -0.49 -3.35 -10.09
N VAL B 73 -1.17 -3.17 -11.23
CA VAL B 73 -0.78 -3.81 -12.51
C VAL B 73 -0.96 -2.76 -13.60
N GLN B 74 0.03 -2.68 -14.48
CA GLN B 74 -0.08 -1.90 -15.72
C GLN B 74 0.14 -2.79 -16.92
N GLU B 75 -0.82 -2.79 -17.80
CA GLU B 75 -0.74 -3.58 -18.99
C GLU B 75 -0.15 -2.77 -20.14
N SER B 76 0.71 -3.43 -20.93
CA SER B 76 1.36 -2.81 -22.05
C SER B 76 1.62 -3.82 -23.16
N GLY B 77 0.64 -4.03 -24.03
CA GLY B 77 0.82 -4.96 -25.14
C GLY B 77 1.02 -6.38 -24.66
N ASP B 78 2.17 -6.96 -25.02
CA ASP B 78 2.49 -8.35 -24.62
C ASP B 78 3.08 -8.43 -23.22
N PHE B 79 3.22 -7.29 -22.54
CA PHE B 79 3.76 -7.27 -21.16
C PHE B 79 2.75 -6.72 -20.20
N ALA B 80 2.91 -7.07 -18.93
CA ALA B 80 2.18 -6.44 -17.83
C ALA B 80 3.18 -6.31 -16.68
N PHE B 81 3.07 -5.23 -15.98
CA PHE B 81 3.96 -4.91 -14.83
C PHE B 81 3.13 -4.96 -13.57
N GLU B 82 3.53 -5.85 -12.66
CA GLU B 82 2.85 -6.06 -11.40
C GLU B 82 3.78 -5.65 -10.24
N SER B 83 3.27 -4.92 -9.28
CA SER B 83 3.96 -4.78 -7.99
C SER B 83 3.06 -5.31 -6.88
N GLY B 84 3.66 -5.89 -5.85
CA GLY B 84 2.89 -6.48 -4.80
C GLY B 84 3.70 -6.73 -3.56
N SER B 85 3.01 -7.29 -2.58
CA SER B 85 3.62 -7.68 -1.32
C SER B 85 3.50 -9.19 -1.11
N PHE B 86 4.40 -9.74 -0.31
CA PHE B 86 4.29 -11.12 0.09
C PHE B 86 4.47 -11.27 1.60
N SER B 87 3.92 -12.39 2.10
CA SER B 87 4.21 -12.88 3.43
C SER B 87 4.48 -14.37 3.35
N LEU B 88 5.20 -14.87 4.33
CA LEU B 88 5.52 -16.28 4.43
C LEU B 88 6.00 -16.59 5.86
N LYS B 89 6.14 -17.88 6.15
CA LYS B 89 6.77 -18.33 7.36
C LYS B 89 8.01 -19.14 7.07
N ALA B 90 8.98 -19.03 7.96
CA ALA B 90 10.19 -19.83 7.86
C ALA B 90 10.69 -20.16 9.26
N PRO B 91 11.29 -21.35 9.45
CA PRO B 91 11.74 -21.73 10.79
C PRO B 91 12.79 -20.78 11.35
N GLY B 92 12.72 -20.51 12.65
CA GLY B 92 13.77 -19.76 13.33
C GLY B 92 14.83 -20.72 13.85
N LYS B 93 15.94 -20.14 14.35
CA LYS B 93 17.03 -20.92 14.98
C LYS B 93 16.41 -21.87 16.00
N ASP B 94 15.53 -21.32 16.83
CA ASP B 94 14.69 -22.08 17.77
C ASP B 94 13.79 -23.19 17.15
N SER B 95 13.87 -23.38 15.82
CA SER B 95 12.93 -24.23 15.05
C SER B 95 11.48 -23.68 14.97
N LYS B 96 11.20 -22.58 15.68
CA LYS B 96 9.84 -22.04 15.72
C LYS B 96 9.64 -21.27 14.40
N LEU B 97 8.48 -21.38 13.78
CA LEU B 97 8.18 -20.63 12.54
C LEU B 97 8.05 -19.15 12.83
N VAL B 98 8.83 -18.34 12.10
CA VAL B 98 8.80 -16.87 12.19
C VAL B 98 8.15 -16.29 10.93
N ASP B 99 7.30 -15.28 11.11
CA ASP B 99 6.71 -14.56 9.97
C ASP B 99 7.77 -13.70 9.25
N ALA B 100 7.65 -13.58 7.94
CA ALA B 100 8.52 -12.72 7.13
C ALA B 100 7.66 -12.07 6.06
N ALA B 101 8.00 -10.86 5.67
CA ALA B 101 7.29 -10.16 4.63
C ALA B 101 8.22 -9.48 3.68
N GLY B 102 7.70 -9.12 2.52
CA GLY B 102 8.49 -8.31 1.59
C GLY B 102 7.64 -7.82 0.44
N LYS B 103 8.33 -7.49 -0.65
CA LYS B 103 7.73 -6.81 -1.77
C LYS B 103 8.39 -7.25 -3.04
N TYR B 104 7.67 -7.11 -4.15
CA TYR B 104 8.15 -7.59 -5.42
C TYR B 104 7.66 -6.80 -6.60
N VAL B 105 8.37 -7.01 -7.72
CA VAL B 105 7.93 -6.53 -9.04
C VAL B 105 8.05 -7.70 -9.97
N VAL B 106 7.01 -7.92 -10.77
CA VAL B 106 7.07 -8.97 -11.79
C VAL B 106 6.74 -8.38 -13.15
N VAL B 107 7.59 -8.66 -14.14
CA VAL B 107 7.23 -8.44 -15.53
C VAL B 107 6.60 -9.72 -16.00
N TRP B 108 5.33 -9.64 -16.37
CA TRP B 108 4.59 -10.74 -16.94
C TRP B 108 4.63 -10.61 -18.46
N ARG B 109 4.61 -11.74 -19.18
CA ARG B 109 4.53 -11.73 -20.64
CA ARG B 109 4.53 -11.73 -20.64
C ARG B 109 3.40 -12.64 -21.09
N LYS B 110 2.68 -12.22 -22.14
CA LYS B 110 1.51 -12.97 -22.64
C LYS B 110 2.02 -13.87 -23.75
N GLY B 111 1.81 -15.17 -23.57
CA GLY B 111 2.18 -16.19 -24.55
C GLY B 111 1.27 -16.20 -25.76
N GLN B 112 1.67 -16.95 -26.78
CA GLN B 112 0.81 -17.09 -27.97
C GLN B 112 -0.52 -17.76 -27.61
N ASP B 113 -0.51 -18.70 -26.65
CA ASP B 113 -1.77 -19.36 -26.20
C ASP B 113 -2.73 -18.46 -25.43
N GLY B 114 -2.33 -17.20 -25.21
CA GLY B 114 -3.10 -16.19 -24.49
C GLY B 114 -2.83 -16.05 -22.98
N GLY B 115 -2.07 -16.98 -22.41
CA GLY B 115 -1.90 -16.98 -20.93
C GLY B 115 -0.73 -16.12 -20.47
N TRP B 116 -0.95 -15.39 -19.38
CA TRP B 116 0.13 -14.60 -18.79
C TRP B 116 1.04 -15.53 -17.99
N LYS B 117 2.34 -15.32 -18.14
CA LYS B 117 3.36 -16.07 -17.43
C LYS B 117 4.44 -15.13 -16.92
N LEU B 118 5.08 -15.54 -15.84
CA LEU B 118 6.09 -14.70 -15.24
C LEU B 118 7.29 -14.69 -16.19
N TYR B 119 7.87 -13.49 -16.34
CA TYR B 119 9.00 -13.32 -17.26
C TYR B 119 10.25 -12.76 -16.54
N ARG B 120 10.05 -11.80 -15.62
CA ARG B 120 11.13 -11.32 -14.74
C ARG B 120 10.54 -11.22 -13.35
N ASP B 121 11.14 -11.87 -12.36
CA ASP B 121 10.60 -11.94 -10.99
C ASP B 121 11.70 -11.49 -10.03
N ILE B 122 11.47 -10.38 -9.37
CA ILE B 122 12.43 -9.83 -8.41
C ILE B 122 11.71 -9.40 -7.13
N TRP B 123 12.37 -9.64 -5.98
CA TRP B 123 11.76 -9.34 -4.72
C TRP B 123 12.85 -9.02 -3.67
N ASN B 124 12.42 -8.44 -2.55
CA ASN B 124 13.27 -8.30 -1.37
C ASN B 124 12.39 -8.17 -0.14
N SER B 125 13.03 -8.06 1.02
CA SER B 125 12.38 -8.10 2.31
C SER B 125 11.96 -6.75 2.81
N ASP B 126 10.91 -6.74 3.61
CA ASP B 126 10.45 -5.57 4.40
C ASP B 126 10.68 -5.81 5.86
N PRO B 127 10.80 -4.74 6.66
CA PRO B 127 10.71 -4.90 8.12
C PRO B 127 9.28 -5.25 8.59
N ALA B 128 9.19 -5.96 9.73
CA ALA B 128 7.91 -6.30 10.37
C ALA B 128 7.11 -5.03 10.71
N LYS B 129 5.80 -5.12 10.58
CA LYS B 129 4.88 -4.03 10.89
C LYS B 129 3.60 -4.60 11.56
N ALA C 4 -0.88 11.52 23.95
CA ALA C 4 -1.41 11.55 22.55
C ALA C 4 -2.64 12.48 22.44
N LYS C 5 -3.56 12.50 23.41
CA LYS C 5 -4.80 13.25 23.25
C LYS C 5 -4.79 14.81 23.14
N GLU C 6 -4.24 15.47 24.16
CA GLU C 6 -4.21 16.94 24.11
C GLU C 6 -3.25 17.31 22.98
N ALA C 7 -2.25 16.45 22.76
CA ALA C 7 -1.32 16.50 21.65
C ALA C 7 -2.00 16.43 20.25
N ILE C 8 -2.95 15.48 20.13
CA ILE C 8 -3.76 15.42 18.91
CA ILE C 8 -3.79 15.42 18.93
C ILE C 8 -4.65 16.67 18.78
N GLU C 9 -5.27 17.12 19.87
CA GLU C 9 -6.07 18.36 19.78
C GLU C 9 -5.15 19.53 19.38
N ALA C 10 -3.92 19.55 19.87
CA ALA C 10 -2.98 20.62 19.44
C ALA C 10 -2.62 20.50 17.93
N ALA C 11 -2.39 19.27 17.49
CA ALA C 11 -2.10 19.04 16.08
C ALA C 11 -3.29 19.49 15.22
N ASN C 12 -4.50 19.19 15.68
CA ASN C 12 -5.69 19.57 14.96
C ASN C 12 -5.88 21.08 14.88
N ALA C 13 -5.48 21.77 15.94
CA ALA C 13 -5.59 23.21 15.95
C ALA C 13 -4.67 23.81 14.88
N ASP C 14 -3.47 23.25 14.77
CA ASP C 14 -2.53 23.69 13.71
C ASP C 14 -3.03 23.35 12.30
N PHE C 15 -3.68 22.19 12.19
CA PHE C 15 -4.25 21.74 10.91
C PHE C 15 -5.31 22.73 10.43
N VAL C 16 -6.25 23.05 11.30
CA VAL C 16 -7.37 23.93 10.96
CA VAL C 16 -7.36 23.91 10.89
C VAL C 16 -6.84 25.32 10.65
N LYS C 17 -5.86 25.78 11.43
CA LYS C 17 -5.30 27.10 11.20
C LYS C 17 -4.71 27.20 9.79
N ALA C 18 -3.90 26.21 9.43
CA ALA C 18 -3.29 26.17 8.10
C ALA C 18 -4.37 26.05 6.99
N TYR C 19 -5.35 25.16 7.18
CA TYR C 19 -6.41 25.01 6.18
C TYR C 19 -7.09 26.36 5.96
N ASN C 20 -7.51 26.99 7.06
CA ASN C 20 -8.29 28.25 6.95
C ASN C 20 -7.44 29.44 6.51
N SER C 21 -6.12 29.29 6.61
CA SER C 21 -5.18 30.25 6.00
C SER C 21 -4.89 29.97 4.54
N LYS C 22 -5.57 28.99 3.94
CA LYS C 22 -5.38 28.58 2.53
C LYS C 22 -3.95 28.17 2.20
N ASP C 23 -3.41 27.33 3.11
CA ASP C 23 -2.03 26.90 3.09
C ASP C 23 -1.95 25.39 2.93
N ALA C 24 -2.06 24.90 1.70
CA ALA C 24 -2.15 23.45 1.47
C ALA C 24 -0.86 22.73 1.88
N ALA C 25 0.30 23.32 1.58
CA ALA C 25 1.56 22.79 2.04
C ALA C 25 1.63 22.66 3.55
N GLY C 26 1.10 23.64 4.26
CA GLY C 26 1.09 23.66 5.71
C GLY C 26 0.18 22.56 6.27
N VAL C 27 -0.97 22.35 5.66
CA VAL C 27 -1.85 21.25 6.04
C VAL C 27 -1.13 19.91 5.83
N ALA C 28 -0.59 19.76 4.63
CA ALA C 28 0.11 18.50 4.25
C ALA C 28 1.28 18.19 5.20
N SER C 29 1.91 19.23 5.74
CA SER C 29 3.05 19.03 6.61
C SER C 29 2.67 18.40 7.95
N LYS C 30 1.38 18.28 8.23
CA LYS C 30 0.88 17.62 9.42
CA LYS C 30 0.93 17.63 9.44
C LYS C 30 0.79 16.10 9.26
N TYR C 31 1.03 15.62 8.02
CA TYR C 31 0.94 14.21 7.68
C TYR C 31 2.33 13.61 7.62
N MSE C 32 2.42 12.34 7.98
CA MSE C 32 3.62 11.55 7.67
C MSE C 32 3.86 11.55 6.17
O MSE C 32 2.91 11.66 5.38
CB MSE C 32 3.45 10.11 8.15
CG MSE C 32 3.47 9.91 9.63
SE MSE C 32 5.17 10.46 10.42
CE MSE C 32 4.99 10.14 12.28
N ASP C 33 5.14 11.39 5.78
CA ASP C 33 5.52 11.38 4.37
C ASP C 33 4.81 10.27 3.58
N ASP C 34 4.63 9.14 4.24
CA ASP C 34 3.94 7.98 3.70
C ASP C 34 2.51 7.78 4.22
N ALA C 35 1.84 8.90 4.60
CA ALA C 35 0.45 8.84 4.97
C ALA C 35 -0.45 8.49 3.77
N ALA C 36 -1.66 8.10 4.07
CA ALA C 36 -2.73 7.92 3.07
C ALA C 36 -4.03 8.58 3.55
N ALA C 37 -4.74 9.23 2.62
CA ALA C 37 -6.06 9.82 2.87
C ALA C 37 -7.07 9.07 2.00
N PHE C 38 -8.26 8.93 2.55
CA PHE C 38 -9.31 8.09 1.97
C PHE C 38 -10.56 8.97 1.78
N PRO C 39 -10.59 9.78 0.70
CA PRO C 39 -11.71 10.72 0.53
C PRO C 39 -12.91 10.01 -0.05
N PRO C 40 -14.09 10.37 0.39
CA PRO C 40 -15.27 9.78 -0.27
C PRO C 40 -15.35 10.08 -1.73
N ASP C 41 -15.76 9.07 -2.51
CA ASP C 41 -15.91 9.19 -3.97
C ASP C 41 -14.67 9.53 -4.78
N MSE C 42 -13.52 9.34 -4.17
CA MSE C 42 -12.24 9.45 -4.83
C MSE C 42 -11.37 8.27 -4.46
O MSE C 42 -11.57 7.67 -3.41
CB MSE C 42 -11.53 10.72 -4.36
CG MSE C 42 -12.32 11.97 -4.48
SE MSE C 42 -11.31 13.52 -3.91
CE MSE C 42 -9.56 13.06 -4.73
N ALA C 43 -10.41 7.93 -5.32
CA ALA C 43 -9.40 6.92 -5.02
C ALA C 43 -8.60 7.38 -3.79
N ARG C 44 -8.10 6.40 -3.05
CA ARG C 44 -7.14 6.66 -2.00
C ARG C 44 -5.99 7.52 -2.50
N VAL C 45 -5.57 8.47 -1.65
CA VAL C 45 -4.55 9.47 -1.95
C VAL C 45 -3.30 9.13 -1.13
N ASP C 46 -2.20 8.79 -1.79
CA ASP C 46 -1.00 8.34 -1.11
C ASP C 46 0.08 9.39 -1.11
N GLY C 47 0.63 9.62 0.07
CA GLY C 47 1.80 10.42 0.27
C GLY C 47 1.50 11.87 0.50
N ARG C 48 2.38 12.51 1.25
CA ARG C 48 2.25 13.92 1.62
CA ARG C 48 2.24 13.91 1.61
C ARG C 48 2.10 14.80 0.39
N GLN C 49 2.86 14.54 -0.65
CA GLN C 49 2.81 15.34 -1.89
CA GLN C 49 2.80 15.35 -1.87
C GLN C 49 1.41 15.32 -2.52
N ASN C 50 0.77 14.15 -2.56
CA ASN C 50 -0.57 14.05 -3.17
C ASN C 50 -1.67 14.55 -2.22
N ILE C 51 -1.42 14.37 -0.93
CA ILE C 51 -2.35 14.90 0.10
C ILE C 51 -2.39 16.43 0.02
N GLN C 52 -1.25 17.08 -0.23
CA GLN C 52 -1.24 18.50 -0.47
C GLN C 52 -2.18 18.87 -1.62
N LYS C 53 -2.10 18.15 -2.72
CA LYS C 53 -2.97 18.38 -3.89
C LYS C 53 -4.46 18.17 -3.55
N LEU C 54 -4.74 17.21 -2.68
CA LEU C 54 -6.10 16.96 -2.21
C LEU C 54 -6.64 18.20 -1.48
N TRP C 55 -5.88 18.71 -0.51
CA TRP C 55 -6.35 19.86 0.24
C TRP C 55 -6.36 21.12 -0.61
N GLN C 56 -5.42 21.26 -1.54
CA GLN C 56 -5.49 22.37 -2.49
C GLN C 56 -6.77 22.29 -3.31
N GLY C 57 -7.16 21.09 -3.71
CA GLY C 57 -8.42 20.89 -4.42
C GLY C 57 -9.64 21.35 -3.62
N ALA C 58 -9.64 21.07 -2.33
CA ALA C 58 -10.67 21.52 -1.40
C ALA C 58 -10.77 23.04 -1.38
N MSE C 59 -9.62 23.69 -1.26
CA MSE C 59 -9.55 25.14 -1.28
C MSE C 59 -10.06 25.70 -2.58
O MSE C 59 -10.79 26.68 -2.59
CB MSE C 59 -8.13 25.60 -1.01
CG MSE C 59 -7.63 25.19 0.35
SE MSE C 59 -5.74 25.51 0.56
CE MSE C 59 -5.59 24.67 2.26
N ASP C 60 -9.68 25.05 -3.66
CA ASP C 60 -10.08 25.50 -5.02
C ASP C 60 -11.61 25.44 -5.21
N MSE C 61 -12.23 24.49 -4.52
CA MSE C 61 -13.69 24.25 -4.45
CA MSE C 61 -13.69 24.33 -4.55
C MSE C 61 -14.40 25.19 -3.49
O MSE C 61 -15.60 25.06 -3.31
CB MSE C 61 -13.95 22.84 -3.92
CB MSE C 61 -14.06 22.85 -4.45
CG MSE C 61 -13.87 21.73 -4.90
CG MSE C 61 -13.45 22.01 -5.54
SE MSE C 61 -14.27 20.19 -3.80
SE MSE C 61 -14.29 22.29 -7.25
CE MSE C 61 -12.49 19.41 -3.63
CE MSE C 61 -12.72 22.33 -8.43
N GLY C 62 -13.67 26.08 -2.84
CA GLY C 62 -14.27 27.05 -1.97
C GLY C 62 -14.62 26.51 -0.58
N ILE C 63 -14.07 25.34 -0.21
CA ILE C 63 -14.32 24.82 1.16
C ILE C 63 -13.63 25.71 2.18
N SER C 64 -14.38 26.19 3.17
CA SER C 64 -13.88 27.15 4.11
C SER C 64 -14.41 26.83 5.51
N GLU C 65 -13.87 27.53 6.51
CA GLU C 65 -14.33 27.46 7.91
C GLU C 65 -14.28 26.00 8.42
N LEU C 66 -13.18 25.32 8.16
CA LEU C 66 -13.03 23.98 8.65
C LEU C 66 -12.91 23.99 10.16
N LYS C 67 -13.64 23.09 10.80
CA LYS C 67 -13.55 22.84 12.23
C LYS C 67 -13.43 21.34 12.45
N LEU C 68 -12.55 20.96 13.37
CA LEU C 68 -12.30 19.56 13.76
C LEU C 68 -12.50 19.40 15.23
N THR C 69 -13.35 18.46 15.61
CA THR C 69 -13.64 18.17 17.00
C THR C 69 -13.25 16.70 17.29
N THR C 70 -12.28 16.55 18.18
CA THR C 70 -11.90 15.22 18.67
C THR C 70 -12.92 14.70 19.67
N LEU C 71 -13.42 13.50 19.42
CA LEU C 71 -14.34 12.84 20.31
C LEU C 71 -13.68 11.80 21.21
N ASP C 72 -12.66 11.13 20.72
CA ASP C 72 -11.90 10.17 21.53
C ASP C 72 -10.58 9.83 20.89
N VAL C 73 -9.62 9.45 21.78
CA VAL C 73 -8.27 9.11 21.41
C VAL C 73 -7.83 7.92 22.24
N GLN C 74 -7.26 6.92 21.56
CA GLN C 74 -6.61 5.81 22.24
C GLN C 74 -5.17 5.76 21.77
N GLU C 75 -4.25 5.72 22.73
CA GLU C 75 -2.84 5.73 22.42
C GLU C 75 -2.29 4.28 22.55
N SER C 76 -1.45 3.87 21.61
CA SER C 76 -0.80 2.56 21.68
C SER C 76 0.59 2.65 21.09
N GLY C 77 1.58 2.87 21.94
CA GLY C 77 2.96 2.88 21.42
C GLY C 77 3.18 4.04 20.45
N ASP C 78 3.66 3.73 19.27
CA ASP C 78 3.97 4.76 18.29
C ASP C 78 2.73 5.17 17.47
N PHE C 79 1.57 4.61 17.81
CA PHE C 79 0.32 4.95 17.16
C PHE C 79 -0.72 5.52 18.15
N ALA C 80 -1.62 6.36 17.61
CA ALA C 80 -2.81 6.77 18.36
C ALA C 80 -3.98 6.77 17.39
N PHE C 81 -5.15 6.43 17.89
CA PHE C 81 -6.34 6.28 17.10
C PHE C 81 -7.32 7.36 17.57
N GLU C 82 -7.70 8.23 16.66
CA GLU C 82 -8.59 9.34 16.94
C GLU C 82 -9.89 9.17 16.17
N SER C 83 -11.02 9.42 16.82
CA SER C 83 -12.24 9.63 16.06
C SER C 83 -12.82 11.00 16.40
N GLY C 84 -13.55 11.58 15.47
CA GLY C 84 -14.00 12.94 15.63
C GLY C 84 -15.04 13.33 14.61
N SER C 85 -15.41 14.60 14.70
CA SER C 85 -16.39 15.21 13.80
CA SER C 85 -16.38 15.18 13.77
C SER C 85 -15.79 16.42 13.14
N PHE C 86 -16.28 16.74 11.95
CA PHE C 86 -15.89 17.95 11.29
C PHE C 86 -17.12 18.75 10.82
N SER C 87 -16.89 20.04 10.61
CA SER C 87 -17.86 20.88 9.92
C SER C 87 -17.08 21.84 9.02
N LEU C 88 -17.76 22.33 8.00
CA LEU C 88 -17.16 23.27 7.05
C LEU C 88 -18.29 23.95 6.29
N LYS C 89 -17.91 24.91 5.46
CA LYS C 89 -18.86 25.57 4.57
C LYS C 89 -18.33 25.51 3.16
N ALA C 90 -19.21 25.51 2.19
CA ALA C 90 -18.77 25.56 0.79
C ALA C 90 -19.86 26.25 0.01
N PRO C 91 -19.48 27.01 -1.02
CA PRO C 91 -20.51 27.72 -1.80
C PRO C 91 -21.43 26.76 -2.50
N GLY C 92 -22.72 27.09 -2.50
CA GLY C 92 -23.67 26.41 -3.37
C GLY C 92 -23.76 27.09 -4.73
N LYS C 93 -24.80 26.74 -5.48
CA LYS C 93 -25.04 27.30 -6.82
C LYS C 93 -25.29 28.83 -6.80
N ASP C 94 -25.84 29.35 -5.69
CA ASP C 94 -26.04 30.80 -5.46
C ASP C 94 -24.81 31.51 -4.87
N SER C 95 -23.70 30.76 -4.72
CA SER C 95 -22.47 31.24 -4.06
C SER C 95 -22.68 31.60 -2.58
N LYS C 96 -23.91 31.50 -2.08
CA LYS C 96 -24.15 31.58 -0.63
C LYS C 96 -23.57 30.29 -0.03
N LEU C 97 -23.01 30.41 1.17
CA LEU C 97 -22.32 29.28 1.81
C LEU C 97 -23.36 28.25 2.28
N VAL C 98 -23.03 26.97 2.11
CA VAL C 98 -23.84 25.86 2.58
C VAL C 98 -23.00 25.07 3.62
N ASP C 99 -23.58 24.82 4.79
CA ASP C 99 -22.93 24.02 5.83
C ASP C 99 -22.87 22.54 5.45
N ALA C 100 -21.77 21.89 5.84
CA ALA C 100 -21.65 20.46 5.69
C ALA C 100 -20.95 19.92 6.91
N ALA C 101 -21.26 18.68 7.27
CA ALA C 101 -20.66 18.09 8.45
C ALA C 101 -20.39 16.61 8.22
N GLY C 102 -19.57 16.01 9.05
CA GLY C 102 -19.33 14.58 9.00
C GLY C 102 -18.42 14.11 10.09
N LYS C 103 -17.77 12.99 9.85
CA LYS C 103 -17.10 12.25 10.91
C LYS C 103 -15.90 11.58 10.31
N TYR C 104 -14.92 11.27 11.17
CA TYR C 104 -13.64 10.75 10.72
C TYR C 104 -12.98 9.84 11.72
N VAL C 105 -12.04 9.06 11.22
CA VAL C 105 -11.09 8.31 12.03
C VAL C 105 -9.71 8.65 11.48
N VAL C 106 -8.74 8.93 12.38
CA VAL C 106 -7.36 9.15 11.98
C VAL C 106 -6.48 8.18 12.78
N VAL C 107 -5.59 7.48 12.08
CA VAL C 107 -4.48 6.79 12.70
C VAL C 107 -3.35 7.79 12.66
N TRP C 108 -2.89 8.18 13.85
CA TRP C 108 -1.74 9.03 14.04
C TRP C 108 -0.51 8.15 14.30
N ARG C 109 0.65 8.68 13.93
CA ARG C 109 1.93 8.01 14.18
C ARG C 109 2.90 9.03 14.79
N LYS C 110 3.74 8.56 15.71
CA LYS C 110 4.63 9.41 16.45
C LYS C 110 5.95 9.25 15.76
N GLY C 111 6.48 10.34 15.21
CA GLY C 111 7.88 10.37 14.71
C GLY C 111 8.98 10.09 15.72
N GLN C 112 10.19 9.88 15.20
CA GLN C 112 11.39 9.73 16.03
C GLN C 112 11.63 11.03 16.84
N ASP C 113 11.26 12.18 16.27
CA ASP C 113 11.26 13.48 17.04
C ASP C 113 10.17 13.61 18.13
N GLY C 114 9.26 12.63 18.18
CA GLY C 114 8.21 12.62 19.15
C GLY C 114 6.97 13.40 18.69
N GLY C 115 6.98 13.97 17.49
CA GLY C 115 5.82 14.74 16.96
C GLY C 115 4.76 13.83 16.33
N TRP C 116 3.52 13.95 16.76
CA TRP C 116 2.40 13.18 16.17
C TRP C 116 2.02 13.76 14.82
N LYS C 117 1.86 12.86 13.85
CA LYS C 117 1.47 13.19 12.51
C LYS C 117 0.40 12.24 12.00
N LEU C 118 -0.43 12.75 11.13
CA LEU C 118 -1.49 11.92 10.56
C LEU C 118 -0.85 10.86 9.66
N TYR C 119 -1.36 9.64 9.79
CA TYR C 119 -0.85 8.52 9.00
C TYR C 119 -1.92 7.88 8.13
N ARG C 120 -3.11 7.68 8.68
CA ARG C 120 -4.26 7.27 7.86
C ARG C 120 -5.39 8.23 8.19
N ASP C 121 -6.02 8.82 7.16
CA ASP C 121 -7.03 9.85 7.35
C ASP C 121 -8.25 9.49 6.51
N ILE C 122 -9.34 9.10 7.15
CA ILE C 122 -10.56 8.71 6.43
C ILE C 122 -11.76 9.39 7.05
N TRP C 123 -12.69 9.83 6.21
CA TRP C 123 -13.88 10.53 6.66
C TRP C 123 -15.07 10.28 5.75
N ASN C 124 -16.26 10.64 6.21
CA ASN C 124 -17.45 10.67 5.35
C ASN C 124 -18.47 11.65 5.94
N SER C 125 -19.58 11.84 5.23
CA SER C 125 -20.55 12.84 5.58
C SER C 125 -21.60 12.33 6.54
N ASP C 126 -22.14 13.26 7.32
CA ASP C 126 -23.34 13.04 8.13
C ASP C 126 -24.52 13.66 7.36
N PRO C 127 -25.71 13.12 7.57
CA PRO C 127 -26.92 13.72 7.03
C PRO C 127 -27.31 14.99 7.82
N ALA C 128 -28.17 15.82 7.22
CA ALA C 128 -28.84 16.95 7.93
C ALA C 128 -29.41 16.47 9.28
N LYS C 129 -29.00 17.14 10.37
CA LYS C 129 -29.28 16.71 11.75
C LYS C 129 -30.30 17.64 12.41
N GLY D 1 2.97 -20.28 15.48
CA GLY D 1 2.38 -19.02 16.01
C GLY D 1 1.45 -18.37 14.98
N GLN D 2 0.28 -17.94 15.44
CA GLN D 2 -0.61 -17.16 14.59
C GLN D 2 -0.28 -15.66 14.78
N SER D 3 -0.11 -14.94 13.67
CA SER D 3 0.09 -13.47 13.78
C SER D 3 -1.23 -12.71 13.94
N ALA D 4 -1.16 -11.47 14.42
CA ALA D 4 -2.30 -10.55 14.38
C ALA D 4 -2.94 -10.44 12.99
N LYS D 5 -2.13 -10.32 11.95
N LYS D 5 -2.13 -10.32 11.97
CA LYS D 5 -2.68 -10.31 10.59
CA LYS D 5 -2.61 -10.33 10.61
C LYS D 5 -3.48 -11.58 10.31
C LYS D 5 -3.46 -11.58 10.31
N GLU D 6 -2.96 -12.73 10.75
CA GLU D 6 -3.70 -13.98 10.55
C GLU D 6 -4.98 -14.02 11.37
N ALA D 7 -4.92 -13.52 12.60
CA ALA D 7 -6.10 -13.52 13.44
C ALA D 7 -7.20 -12.63 12.85
N ILE D 8 -6.80 -11.50 12.30
CA ILE D 8 -7.71 -10.54 11.66
C ILE D 8 -8.28 -11.11 10.35
N GLU D 9 -7.47 -11.87 9.59
CA GLU D 9 -8.03 -12.64 8.45
C GLU D 9 -9.14 -13.56 8.86
N ALA D 10 -8.95 -14.33 9.94
CA ALA D 10 -9.95 -15.26 10.42
C ALA D 10 -11.19 -14.49 10.94
N ALA D 11 -10.99 -13.36 11.61
CA ALA D 11 -12.07 -12.46 12.06
C ALA D 11 -12.89 -11.93 10.88
N ASN D 12 -12.21 -11.53 9.80
CA ASN D 12 -12.89 -11.06 8.61
C ASN D 12 -13.67 -12.14 7.88
N ALA D 13 -13.12 -13.37 7.88
CA ALA D 13 -13.87 -14.51 7.37
C ALA D 13 -15.15 -14.68 8.19
N ASP D 14 -15.06 -14.61 9.52
CA ASP D 14 -16.23 -14.67 10.39
C ASP D 14 -17.26 -13.57 10.04
N PHE D 15 -16.75 -12.35 9.85
CA PHE D 15 -17.57 -11.17 9.57
C PHE D 15 -18.37 -11.38 8.27
N VAL D 16 -17.67 -11.76 7.20
CA VAL D 16 -18.31 -11.92 5.89
C VAL D 16 -19.32 -13.07 5.92
N LYS D 17 -18.95 -14.18 6.58
CA LYS D 17 -19.88 -15.31 6.68
C LYS D 17 -21.19 -14.85 7.37
N ALA D 18 -21.09 -14.15 8.49
CA ALA D 18 -22.24 -13.65 9.23
C ALA D 18 -23.05 -12.67 8.36
N TYR D 19 -22.36 -11.77 7.67
CA TYR D 19 -23.09 -10.78 6.88
C TYR D 19 -23.89 -11.48 5.77
N ASN D 20 -23.23 -12.37 5.06
CA ASN D 20 -23.86 -13.02 3.89
C ASN D 20 -24.84 -14.13 4.26
N SER D 21 -24.85 -14.52 5.54
CA SER D 21 -25.93 -15.29 6.16
C SER D 21 -27.07 -14.46 6.67
N LYS D 22 -27.03 -13.15 6.43
CA LYS D 22 -28.04 -12.25 6.93
C LYS D 22 -28.23 -12.36 8.45
N ASP D 23 -27.11 -12.44 9.17
CA ASP D 23 -27.10 -12.60 10.62
C ASP D 23 -26.44 -11.38 11.26
N ALA D 24 -27.28 -10.35 11.48
CA ALA D 24 -26.82 -9.08 12.07
C ALA D 24 -26.19 -9.28 13.46
N ALA D 25 -26.77 -10.14 14.27
CA ALA D 25 -26.20 -10.45 15.59
C ALA D 25 -24.78 -11.01 15.47
N GLY D 26 -24.60 -11.91 14.52
CA GLY D 26 -23.30 -12.52 14.23
C GLY D 26 -22.28 -11.47 13.77
N VAL D 27 -22.72 -10.52 12.94
CA VAL D 27 -21.80 -9.45 12.52
C VAL D 27 -21.42 -8.58 13.72
N ALA D 28 -22.43 -8.17 14.47
CA ALA D 28 -22.21 -7.28 15.60
C ALA D 28 -21.31 -7.93 16.65
N SER D 29 -21.35 -9.27 16.77
CA SER D 29 -20.54 -9.97 17.78
CA SER D 29 -20.54 -9.94 17.78
C SER D 29 -19.04 -9.85 17.51
N LYS D 30 -18.69 -9.42 16.31
CA LYS D 30 -17.29 -9.18 15.93
C LYS D 30 -16.77 -7.85 16.43
N TYR D 31 -17.66 -6.99 17.00
CA TYR D 31 -17.26 -5.70 17.50
C TYR D 31 -17.10 -5.70 19.01
N MSE D 32 -16.19 -4.87 19.49
CA MSE D 32 -16.15 -4.59 20.93
C MSE D 32 -17.45 -3.94 21.37
O MSE D 32 -18.16 -3.33 20.57
CB MSE D 32 -15.02 -3.62 21.27
CG MSE D 32 -13.65 -4.14 21.00
SE MSE D 32 -13.21 -5.61 22.19
CE MSE D 32 -12.35 -4.72 23.63
N ASP D 33 -17.79 -4.12 22.64
CA ASP D 33 -18.98 -3.52 23.19
C ASP D 33 -19.04 -2.01 23.01
N ASP D 34 -17.88 -1.33 23.12
CA ASP D 34 -17.79 0.14 22.98
C ASP D 34 -17.22 0.56 21.60
N ALA D 35 -17.40 -0.30 20.61
CA ALA D 35 -17.01 0.03 19.24
C ALA D 35 -17.88 1.18 18.70
N ALA D 36 -17.43 1.72 17.57
CA ALA D 36 -18.20 2.68 16.81
C ALA D 36 -18.05 2.35 15.33
N ALA D 37 -19.16 2.49 14.60
CA ALA D 37 -19.19 2.41 13.15
C ALA D 37 -19.56 3.78 12.58
N PHE D 38 -19.04 4.06 11.39
CA PHE D 38 -19.09 5.40 10.74
C PHE D 38 -19.63 5.26 9.31
N PRO D 39 -20.95 4.99 9.18
CA PRO D 39 -21.53 4.80 7.85
C PRO D 39 -21.65 6.13 7.11
N PRO D 40 -21.29 6.13 5.84
CA PRO D 40 -21.46 7.34 5.06
C PRO D 40 -22.92 7.74 4.96
N ASP D 41 -23.15 9.05 5.09
CA ASP D 41 -24.45 9.71 4.98
C ASP D 41 -25.45 9.29 6.07
N MSE D 42 -24.93 8.74 7.19
CA MSE D 42 -25.70 8.36 8.38
C MSE D 42 -24.92 8.84 9.57
O MSE D 42 -23.73 9.14 9.45
CB MSE D 42 -25.90 6.84 8.46
CG MSE D 42 -26.61 6.26 7.27
SE MSE D 42 -26.88 4.35 7.44
CE MSE D 42 -27.78 4.33 9.15
N ALA D 43 -25.56 8.96 10.72
CA ALA D 43 -24.87 9.35 11.93
C ALA D 43 -23.94 8.25 12.42
N ARG D 44 -22.89 8.64 13.12
CA ARG D 44 -22.05 7.67 13.88
C ARG D 44 -22.93 6.75 14.72
N VAL D 45 -22.53 5.49 14.82
CA VAL D 45 -23.26 4.45 15.56
C VAL D 45 -22.30 3.95 16.62
N ASP D 46 -22.71 4.11 17.87
CA ASP D 46 -21.91 3.76 19.03
C ASP D 46 -22.51 2.56 19.76
N GLY D 47 -21.65 1.59 20.04
CA GLY D 47 -21.95 0.45 20.86
C GLY D 47 -22.41 -0.74 20.03
N ARG D 48 -22.10 -1.93 20.52
CA ARG D 48 -22.39 -3.15 19.80
CA ARG D 48 -22.40 -3.15 19.80
C ARG D 48 -23.89 -3.30 19.47
N GLN D 49 -24.77 -3.01 20.42
CA GLN D 49 -26.22 -3.17 20.15
C GLN D 49 -26.71 -2.26 19.04
N ASN D 50 -26.23 -1.03 19.01
CA ASN D 50 -26.65 -0.13 17.96
C ASN D 50 -26.01 -0.52 16.62
N ILE D 51 -24.79 -1.07 16.68
CA ILE D 51 -24.13 -1.60 15.48
C ILE D 51 -24.93 -2.77 14.88
N GLN D 52 -25.49 -3.63 15.75
CA GLN D 52 -26.37 -4.65 15.27
C GLN D 52 -27.52 -4.06 14.43
N LYS D 53 -28.12 -2.98 14.93
CA LYS D 53 -29.24 -2.34 14.24
C LYS D 53 -28.80 -1.73 12.91
N LEU D 54 -27.59 -1.16 12.87
CA LEU D 54 -27.02 -0.65 11.64
C LEU D 54 -26.98 -1.77 10.62
N TRP D 55 -26.40 -2.91 11.00
CA TRP D 55 -26.22 -3.96 9.99
C TRP D 55 -27.54 -4.63 9.61
N GLN D 56 -28.46 -4.75 10.53
CA GLN D 56 -29.81 -5.29 10.21
C GLN D 56 -30.47 -4.37 9.20
N GLY D 57 -30.30 -3.07 9.38
CA GLY D 57 -30.87 -2.13 8.44
C GLY D 57 -30.28 -2.26 7.03
N ALA D 58 -28.97 -2.44 6.92
CA ALA D 58 -28.31 -2.70 5.63
C ALA D 58 -28.87 -3.95 4.95
N MSE D 59 -29.02 -5.00 5.74
CA MSE D 59 -29.58 -6.24 5.23
C MSE D 59 -31.03 -6.03 4.77
O MSE D 59 -31.40 -6.59 3.71
CB MSE D 59 -29.53 -7.29 6.31
CG MSE D 59 -28.10 -7.71 6.67
SE MSE D 59 -28.10 -8.80 8.28
CE MSE D 59 -26.19 -8.91 8.46
N ASP D 60 -31.79 -5.28 5.56
CA ASP D 60 -33.21 -4.98 5.26
C ASP D 60 -33.35 -4.16 3.98
N MSE D 61 -32.32 -3.41 3.63
CA MSE D 61 -32.26 -2.66 2.35
CA MSE D 61 -32.27 -2.66 2.36
C MSE D 61 -31.86 -3.51 1.17
O MSE D 61 -31.83 -3.04 0.03
CB MSE D 61 -31.21 -1.55 2.42
CB MSE D 61 -31.27 -1.50 2.49
CG MSE D 61 -31.68 -0.29 3.07
CG MSE D 61 -31.82 -0.38 3.30
SE MSE D 61 -30.13 0.83 3.26
SE MSE D 61 -33.42 0.28 2.48
CE MSE D 61 -29.59 0.94 1.40
CE MSE D 61 -34.76 -0.17 3.83
N GLY D 62 -31.51 -4.78 1.43
CA GLY D 62 -31.10 -5.67 0.38
C GLY D 62 -29.63 -5.59 -0.02
N ILE D 63 -28.78 -4.98 0.83
CA ILE D 63 -27.36 -4.96 0.55
C ILE D 63 -26.78 -6.36 0.72
N SER D 64 -26.08 -6.86 -0.27
CA SER D 64 -25.74 -8.29 -0.34
CA SER D 64 -25.73 -8.27 -0.27
C SER D 64 -24.36 -8.54 -0.85
N GLU D 65 -23.92 -9.79 -0.70
CA GLU D 65 -22.77 -10.21 -1.45
CA GLU D 65 -22.76 -10.29 -1.36
C GLU D 65 -21.51 -9.44 -1.02
N LEU D 66 -21.26 -9.35 0.28
CA LEU D 66 -20.11 -8.61 0.79
C LEU D 66 -18.82 -9.36 0.53
N LYS D 67 -17.81 -8.65 0.02
CA LYS D 67 -16.47 -9.17 -0.18
CA LYS D 67 -16.47 -9.18 -0.13
C LYS D 67 -15.48 -8.12 0.30
N LEU D 68 -14.51 -8.55 1.09
CA LEU D 68 -13.50 -7.66 1.65
C LEU D 68 -12.13 -8.08 1.17
N THR D 69 -11.27 -7.11 0.89
CA THR D 69 -9.88 -7.39 0.52
C THR D 69 -8.99 -6.53 1.39
N THR D 70 -8.21 -7.19 2.25
CA THR D 70 -7.22 -6.51 3.09
C THR D 70 -6.00 -6.10 2.29
N LEU D 71 -5.64 -4.82 2.32
CA LEU D 71 -4.43 -4.31 1.67
C LEU D 71 -3.26 -4.01 2.62
N ASP D 72 -3.53 -3.77 3.88
CA ASP D 72 -2.48 -3.44 4.86
C ASP D 72 -3.04 -3.76 6.24
N VAL D 73 -2.22 -4.36 7.09
CA VAL D 73 -2.52 -4.56 8.50
C VAL D 73 -1.26 -4.25 9.28
N GLN D 74 -1.39 -3.40 10.29
CA GLN D 74 -0.28 -3.05 11.18
C GLN D 74 -0.70 -3.27 12.59
N GLU D 75 0.18 -3.89 13.39
CA GLU D 75 -0.15 -4.15 14.79
CA GLU D 75 -0.10 -4.20 14.80
C GLU D 75 0.65 -3.26 15.74
N SER D 76 0.02 -2.89 16.86
CA SER D 76 0.64 -2.09 17.92
C SER D 76 0.07 -2.56 19.26
N GLY D 77 0.66 -3.62 19.82
CA GLY D 77 0.26 -4.12 21.13
C GLY D 77 -1.12 -4.73 21.02
N ASP D 78 -2.05 -4.26 21.82
CA ASP D 78 -3.43 -4.76 21.81
CA ASP D 78 -3.42 -4.83 21.74
C ASP D 78 -4.33 -4.02 20.83
N PHE D 79 -3.73 -3.21 19.95
CA PHE D 79 -4.43 -2.55 18.84
C PHE D 79 -3.79 -2.94 17.52
N ALA D 80 -4.56 -2.81 16.45
CA ALA D 80 -4.09 -2.99 15.08
C ALA D 80 -4.96 -2.09 14.19
N PHE D 81 -4.45 -1.74 13.03
CA PHE D 81 -5.29 -1.14 12.03
C PHE D 81 -5.14 -1.79 10.69
N GLU D 82 -6.25 -1.83 9.99
CA GLU D 82 -6.36 -2.53 8.73
C GLU D 82 -6.94 -1.54 7.72
N SER D 83 -6.39 -1.54 6.49
CA SER D 83 -7.14 -0.88 5.45
C SER D 83 -7.31 -1.81 4.27
N GLY D 84 -8.30 -1.52 3.47
CA GLY D 84 -8.56 -2.38 2.33
C GLY D 84 -9.72 -1.88 1.53
N SER D 85 -10.21 -2.77 0.69
CA SER D 85 -11.31 -2.46 -0.23
C SER D 85 -12.48 -3.42 -0.01
N PHE D 86 -13.68 -2.96 -0.34
CA PHE D 86 -14.88 -3.78 -0.26
C PHE D 86 -15.57 -3.72 -1.64
N SER D 87 -16.38 -4.73 -1.86
CA SER D 87 -17.33 -4.73 -2.97
C SER D 87 -18.56 -5.44 -2.43
N LEU D 88 -19.71 -5.03 -2.96
CA LEU D 88 -20.97 -5.61 -2.59
C LEU D 88 -21.99 -5.29 -3.70
N LYS D 89 -23.19 -5.84 -3.54
CA LYS D 89 -24.37 -5.44 -4.33
C LYS D 89 -25.33 -4.61 -3.47
N ALA D 90 -25.74 -3.46 -3.98
CA ALA D 90 -26.64 -2.60 -3.22
C ALA D 90 -27.59 -1.92 -4.20
N PRO D 91 -28.81 -1.55 -3.75
CA PRO D 91 -29.69 -0.77 -4.62
C PRO D 91 -29.01 0.54 -5.04
N GLY D 92 -29.01 0.81 -6.34
CA GLY D 92 -28.37 1.97 -6.90
C GLY D 92 -29.34 3.15 -6.94
N LYS D 93 -28.99 4.17 -7.69
CA LYS D 93 -29.79 5.39 -7.76
CA LYS D 93 -29.79 5.39 -7.74
C LYS D 93 -31.17 5.15 -8.34
N ASP D 94 -31.27 4.15 -9.23
CA ASP D 94 -32.53 3.74 -9.81
C ASP D 94 -33.21 2.58 -9.05
N SER D 95 -32.73 2.31 -7.85
CA SER D 95 -33.28 1.26 -6.97
C SER D 95 -32.96 -0.17 -7.42
N LYS D 96 -32.20 -0.36 -8.50
CA LYS D 96 -31.83 -1.68 -8.97
C LYS D 96 -30.50 -2.07 -8.36
N LEU D 97 -30.30 -3.36 -8.07
CA LEU D 97 -29.07 -3.79 -7.49
C LEU D 97 -27.91 -3.56 -8.47
N VAL D 98 -26.84 -2.98 -7.95
CA VAL D 98 -25.65 -2.68 -8.75
C VAL D 98 -24.43 -3.00 -7.89
N ASP D 99 -23.31 -3.24 -8.56
CA ASP D 99 -21.99 -3.36 -7.93
C ASP D 99 -21.58 -2.04 -7.32
N ALA D 100 -21.15 -2.12 -6.07
CA ALA D 100 -20.64 -0.94 -5.41
C ALA D 100 -19.31 -1.34 -4.80
N ALA D 101 -18.37 -0.42 -4.82
CA ALA D 101 -17.05 -0.66 -4.33
C ALA D 101 -16.61 0.52 -3.50
N GLY D 102 -15.72 0.25 -2.58
CA GLY D 102 -15.04 1.34 -1.87
C GLY D 102 -13.89 0.86 -1.03
N LYS D 103 -13.59 1.67 -0.04
CA LYS D 103 -12.40 1.51 0.77
C LYS D 103 -12.77 1.68 2.23
N TYR D 104 -11.97 1.09 3.09
CA TYR D 104 -12.25 1.15 4.52
C TYR D 104 -10.96 1.19 5.33
N VAL D 105 -11.09 1.67 6.56
CA VAL D 105 -10.10 1.55 7.62
C VAL D 105 -10.84 0.99 8.84
N VAL D 106 -10.24 -0.05 9.44
CA VAL D 106 -10.73 -0.57 10.72
C VAL D 106 -9.60 -0.47 11.76
N VAL D 107 -9.95 0.08 12.93
CA VAL D 107 -9.12 -0.03 14.10
C VAL D 107 -9.65 -1.27 14.83
N TRP D 108 -8.77 -2.27 15.01
CA TRP D 108 -9.03 -3.51 15.72
C TRP D 108 -8.41 -3.45 17.14
N ARG D 109 -9.05 -4.16 18.05
CA ARG D 109 -8.59 -4.30 19.42
CA ARG D 109 -8.58 -4.29 19.39
C ARG D 109 -8.62 -5.76 19.80
N LYS D 110 -7.60 -6.18 20.52
CA LYS D 110 -7.46 -7.57 20.98
C LYS D 110 -8.10 -7.70 22.34
N GLY D 111 -9.11 -8.53 22.44
CA GLY D 111 -9.84 -8.71 23.67
C GLY D 111 -9.00 -9.49 24.66
N GLN D 112 -9.44 -9.46 25.92
CA GLN D 112 -8.75 -10.24 26.95
C GLN D 112 -8.62 -11.73 26.56
N ASP D 113 -9.68 -12.20 25.93
CA ASP D 113 -9.75 -13.57 25.42
C ASP D 113 -8.92 -13.89 24.18
N GLY D 114 -8.06 -12.97 23.71
CA GLY D 114 -7.20 -13.22 22.59
C GLY D 114 -7.85 -12.90 21.27
N GLY D 115 -9.13 -12.55 21.32
CA GLY D 115 -9.93 -12.42 20.12
C GLY D 115 -9.94 -10.97 19.61
N TRP D 116 -9.51 -10.82 18.36
CA TRP D 116 -9.50 -9.50 17.73
C TRP D 116 -10.92 -9.10 17.34
N LYS D 117 -11.30 -7.89 17.73
CA LYS D 117 -12.61 -7.36 17.43
C LYS D 117 -12.52 -5.96 16.84
N LEU D 118 -13.51 -5.60 16.04
CA LEU D 118 -13.53 -4.27 15.46
C LEU D 118 -13.83 -3.26 16.57
N TYR D 119 -13.11 -2.14 16.54
CA TYR D 119 -13.26 -1.06 17.51
C TYR D 119 -13.73 0.23 16.82
N ARG D 120 -13.13 0.56 15.69
CA ARG D 120 -13.64 1.65 14.86
C ARG D 120 -13.73 1.12 13.43
N ASP D 121 -14.88 1.27 12.79
CA ASP D 121 -15.14 0.78 11.44
C ASP D 121 -15.68 1.92 10.57
N ILE D 122 -14.90 2.34 9.58
CA ILE D 122 -15.29 3.46 8.75
C ILE D 122 -14.94 3.13 7.29
N TRP D 123 -15.79 3.58 6.38
CA TRP D 123 -15.63 3.28 4.97
C TRP D 123 -16.29 4.37 4.12
N ASN D 124 -15.95 4.37 2.85
CA ASN D 124 -16.62 5.23 1.91
C ASN D 124 -16.46 4.66 0.48
N SER D 125 -17.08 5.33 -0.49
CA SER D 125 -17.14 4.80 -1.83
C SER D 125 -15.95 5.17 -2.71
N ASP D 126 -15.67 4.34 -3.72
CA ASP D 126 -14.66 4.68 -4.72
C ASP D 126 -15.44 5.28 -5.89
N PRO D 127 -14.77 5.95 -6.81
CA PRO D 127 -15.49 6.61 -7.90
C PRO D 127 -16.03 5.62 -8.93
N ALA D 128 -17.05 6.08 -9.66
CA ALA D 128 -17.57 5.45 -10.88
C ALA D 128 -16.45 4.98 -11.81
O1 UNL E . 18.25 0.01 -8.87
O2 UNL E . 18.34 2.80 -8.66
O3 UNL E . 19.20 1.18 -8.06
O4 UNL E . 20.19 -0.04 -7.74
O5 UNL E . 21.84 0.55 -6.96
O6 UNL E . 21.12 2.24 -5.91
O7 UNL E . 21.32 1.39 -3.88
O8 UNL E . 21.03 1.10 -1.22
O9 UNL E . 22.30 -0.13 -2.10
O10 UNL E . 19.16 2.59 -0.26
O11 UNL E . 19.57 2.66 1.25
O12 UNL E . 23.60 -1.27 0.02
O13 UNL E . 21.22 -2.17 -1.42
O14 UNL E . 20.06 3.06 -7.40
O15 UNL E . 21.30 -4.47 -2.12
O16 UNL E . 20.64 -5.60 0.47
O17 UNL E . 19.57 -6.99 -0.46
O18 UNL E . 18.45 -8.19 0.30
O19 UNL E . 19.58 -8.50 -0.89
O20 UNL E . 19.95 -1.55 -0.38
O21 UNL E . 20.90 0.75 -6.20
O22 UNL E . 20.32 2.10 -1.44
O23 UNL E . 23.86 -2.19 -1.53
N1 IMD F . 18.64 2.67 -11.26
C2 IMD F . 18.65 3.64 -12.15
N3 IMD F . 18.74 3.08 -13.38
C4 IMD F . 18.80 1.76 -13.25
C5 IMD F . 18.78 1.49 -11.89
N1 IMD G . 24.57 2.73 -17.75
C2 IMD G . 25.66 3.49 -18.12
N3 IMD G . 25.62 4.67 -17.41
C4 IMD G . 24.51 4.66 -16.60
C5 IMD G . 23.86 3.44 -16.84
O1 UNL H . 5.26 -14.13 -7.47
O2 UNL H . 5.33 -12.83 -7.35
O3 UNL H . 3.31 -12.19 -8.55
O4 UNL H . 4.73 -15.38 -8.08
O5 UNL H . 3.57 -13.56 -8.53
O6 UNL H . 8.39 -12.36 -6.27
O7 UNL H . 7.28 -15.12 -6.78
O8 UNL H . 8.33 -14.21 -5.16
O9 UNL H . 7.96 -13.09 -4.09
O10 UNL H . 7.83 -14.25 -2.59
O11 UNL H . 8.41 -15.83 -2.83
O12 UNL H . 10.22 -16.12 -1.64
O13 UNL H . 12.84 -18.11 -2.81
O14 UNL H . 11.59 -16.46 -0.62
O15 UNL H . 14.72 -18.54 -2.09
O16 UNL H . 15.86 -20.10 -1.07
O17 UNL H . 7.07 -13.31 -7.01
O18 UNL H . 9.25 -14.51 -2.15
O19 UNL H . 12.93 -17.37 -1.55
O1 UNL I . -7.96 16.08 9.93
O2 UNL I . -9.34 14.67 9.15
O3 UNL I . -8.77 15.14 10.79
O4 UNL I . -11.90 17.80 2.04
O5 UNL I . -7.79 15.00 13.05
O6 UNL I . -10.64 13.51 8.27
O7 UNL I . -8.53 15.91 8.24
O8 UNL I . -10.54 14.95 7.70
O9 UNL I . -11.76 15.73 7.65
O10 UNL I . -12.63 17.04 7.06
O11 UNL I . -11.94 16.90 6.12
O12 UNL I . -12.90 17.69 4.82
O13 UNL I . -13.05 17.28 1.28
O14 UNL I . -13.76 17.49 3.60
O15 UNL I . -11.53 17.25 -0.20
O16 UNL I . -12.76 17.06 -1.29
O1 PG4 J . 2.25 6.96 -6.50
C1 PG4 J . 2.47 8.17 -5.81
C2 PG4 J . 2.12 7.93 -4.37
O2 PG4 J . 2.43 9.13 -3.62
C3 PG4 J . 3.34 8.93 -2.56
C4 PG4 J . 2.82 7.93 -1.57
O3 PG4 J . 3.57 7.77 -0.38
C5 PG4 J . 3.06 6.67 0.40
C6 PG4 J . 1.73 6.88 1.06
O4 PG4 J . 0.87 5.76 1.24
O1 PG4 K . -0.48 0.96 -5.57
C1 PG4 K . -0.41 1.44 -4.21
C2 PG4 K . 0.56 0.70 -3.28
O2 PG4 K . 1.22 1.58 -2.34
C3 PG4 K . 0.43 1.75 -1.14
C4 PG4 K . 0.72 3.00 -0.33
O3 PG4 K . -0.36 3.31 0.62
C5 PG4 K . -0.76 2.31 1.58
C6 PG4 K . -2.14 2.65 2.12
O4 PG4 K . -2.99 1.47 2.08
O1 UNL L . -15.86 -1.51 6.54
O2 UNL L . -17.45 -3.32 7.88
O3 UNL L . -17.16 -2.37 6.13
O4 UNL L . -17.12 -1.53 4.53
O5 UNL L . -18.34 -2.63 3.49
O6 UNL L . -19.91 -2.99 4.67
O7 UNL L . -19.44 -1.67 3.91
O8 UNL L . -23.22 -0.63 4.58
O9 UNL L . -24.40 0.43 5.36
O10 UNL L . -25.98 0.95 5.09
O11 UNL L . -18.70 -3.39 6.11
O12 UNL L . -22.45 0.29 1.08
O13 UNL L . -22.69 2.81 3.05
O14 UNL L . -21.47 2.01 1.69
O15 UNL L . -23.12 0.18 3.24
O1 PG4 M . 0.75 -10.96 1.09
C1 PG4 M . 0.24 -10.11 2.13
C2 PG4 M . 1.31 -9.03 2.37
O2 PG4 M . 1.82 -9.25 3.69
C3 PG4 M . 2.93 -8.45 4.08
C4 PG4 M . 2.96 -8.32 5.61
O3 PG4 M . 1.65 -8.24 6.19
C5 PG4 M . 1.36 -7.02 6.84
N1 IMD N . -15.12 -4.65 7.81
C2 IMD N . -14.74 -5.79 8.44
N3 IMD N . -13.43 -6.01 8.19
C4 IMD N . -12.98 -5.01 7.42
C5 IMD N . -14.06 -4.14 7.19
#